data_6LEO
#
_entry.id   6LEO
#
_cell.length_a   73.510
_cell.length_b   95.320
_cell.length_c   101.410
_cell.angle_alpha   90.000
_cell.angle_beta   90.000
_cell.angle_gamma   90.000
#
_symmetry.space_group_name_H-M   'C 2 2 21'
#
loop_
_entity.id
_entity.type
_entity.pdbx_description
1 polymer 'Sulf_transp domain-containing protein'
2 non-polymer THIOSULFATE
3 non-polymer '(2R)-2,3-dihydroxypropyl (9Z)-octadec-9-enoate'
4 water water
#
_entity_poly.entity_id   1
_entity_poly.type   'polypeptide(L)'
_entity_poly.pdbx_seq_one_letter_code
;MIWTGLLVGFLFGIVLQRGRICFNSAFRDVLLFKDNYLFKLAVFTLALEMILFVLLSQVGLMQMNPKPLNLVGNIIGGFV
FGLGMVLAGGCASGVTYRVGEGLTTAWFAALFYGLGAYATKSGAFSWWLSWVGQFKSPLSVEESAYYVKGAGPTISSVLG
LNPWIPALVIAALFILWAFGTKTTSRETKFNWKIASVCLALVAGLGFITSTLSGRKYGLGITGGWINLFQGFLTNSPLNW
EGLEIVGIILGAGVAAAVAGEFKLRMPKNPVTYLQVGIGGLLMGIGAVTAGGCNIGHFLTGVPQLALSSWLASIFFILGN
WTMAWILFLESSGENLYFQ
;
_entity_poly.pdbx_strand_id   A
#
loop_
_chem_comp.id
_chem_comp.type
_chem_comp.name
_chem_comp.formula
OLC non-polymer '(2R)-2,3-dihydroxypropyl (9Z)-octadec-9-enoate' 'C21 H40 O4'
THJ non-polymer THIOSULFATE 'O3 S2 -2'
#
# COMPACT_ATOMS: atom_id res chain seq x y z
N MET A 1 8.64 6.45 -20.79
CA MET A 1 8.35 7.14 -19.54
C MET A 1 7.72 6.20 -18.53
N ILE A 2 6.92 5.24 -19.02
CA ILE A 2 6.35 4.23 -18.13
C ILE A 2 7.44 3.37 -17.51
N TRP A 3 8.64 3.37 -18.09
CA TRP A 3 9.73 2.57 -17.57
C TRP A 3 10.35 3.15 -16.30
N THR A 4 10.00 4.39 -15.94
CA THR A 4 10.40 4.90 -14.63
C THR A 4 9.72 4.14 -13.50
N GLY A 5 8.61 3.45 -13.78
CA GLY A 5 8.00 2.61 -12.76
C GLY A 5 8.88 1.44 -12.37
N LEU A 6 9.63 0.89 -13.33
CA LEU A 6 10.60 -0.14 -13.00
C LEU A 6 11.66 0.37 -12.04
N LEU A 7 12.17 1.58 -12.29
CA LEU A 7 13.18 2.17 -11.41
C LEU A 7 12.60 2.49 -10.04
N VAL A 8 11.44 3.15 -10.00
CA VAL A 8 10.80 3.46 -8.74
C VAL A 8 10.40 2.18 -8.01
N GLY A 9 9.87 1.20 -8.75
CA GLY A 9 9.56 -0.08 -8.15
C GLY A 9 10.80 -0.79 -7.64
N PHE A 10 11.90 -0.70 -8.39
CA PHE A 10 13.17 -1.29 -7.95
C PHE A 10 13.61 -0.69 -6.62
N LEU A 11 13.64 0.65 -6.54
CA LEU A 11 14.04 1.29 -5.29
C LEU A 11 13.03 1.00 -4.18
N PHE A 12 11.73 0.99 -4.51
CA PHE A 12 10.71 0.66 -3.53
C PHE A 12 10.91 -0.74 -2.97
N GLY A 13 11.20 -1.72 -3.83
CA GLY A 13 11.40 -3.08 -3.37
C GLY A 13 12.60 -3.23 -2.45
N ILE A 14 13.64 -2.44 -2.69
CA ILE A 14 14.82 -2.48 -1.81
C ILE A 14 14.46 -1.99 -0.41
N VAL A 15 13.70 -0.89 -0.34
CA VAL A 15 13.34 -0.33 0.96
C VAL A 15 12.45 -1.30 1.73
N LEU A 16 11.54 -1.96 1.04
CA LEU A 16 10.64 -2.91 1.70
C LEU A 16 11.41 -4.11 2.25
N GLN A 17 12.35 -4.63 1.48
CA GLN A 17 13.05 -5.86 1.87
C GLN A 17 14.02 -5.59 3.02
N ARG A 18 14.78 -4.49 2.95
CA ARG A 18 15.76 -4.22 4.00
C ARG A 18 15.09 -3.83 5.31
N GLY A 19 13.99 -3.09 5.25
CA GLY A 19 13.30 -2.67 6.45
C GLY A 19 12.28 -3.65 6.98
N ARG A 20 12.02 -4.74 6.25
CA ARG A 20 10.98 -5.71 6.62
C ARG A 20 9.65 -5.00 6.88
N ILE A 21 9.25 -4.18 5.91
CA ILE A 21 8.09 -3.31 6.06
C ILE A 21 6.82 -4.14 5.98
N CYS A 22 6.10 -4.24 7.10
CA CYS A 22 4.80 -4.93 7.18
C CYS A 22 3.94 -4.11 8.14
N PHE A 23 3.23 -3.13 7.58
CA PHE A 23 2.52 -2.16 8.42
C PHE A 23 1.50 -2.83 9.33
N ASN A 24 0.87 -3.91 8.87
CA ASN A 24 -0.20 -4.55 9.63
C ASN A 24 0.26 -5.07 10.98
N SER A 25 1.55 -5.35 11.13
CA SER A 25 2.09 -5.86 12.38
C SER A 25 2.61 -4.76 13.31
N ALA A 26 2.46 -3.49 12.93
CA ALA A 26 2.94 -2.41 13.78
C ALA A 26 2.19 -2.36 15.10
N PHE A 27 0.87 -2.49 15.06
CA PHE A 27 0.08 -2.49 16.28
C PHE A 27 0.20 -3.79 17.06
N ARG A 28 0.65 -4.86 16.43
CA ARG A 28 0.83 -6.13 17.12
C ARG A 28 2.20 -6.21 17.81
N ASP A 29 3.24 -5.67 17.18
CA ASP A 29 4.57 -5.73 17.77
C ASP A 29 4.69 -4.80 18.97
N VAL A 30 3.88 -3.74 19.03
CA VAL A 30 3.97 -2.80 20.14
C VAL A 30 3.35 -3.37 21.40
N LEU A 31 2.32 -4.23 21.26
CA LEU A 31 1.61 -4.78 22.40
C LEU A 31 2.11 -6.16 22.82
N LEU A 32 2.80 -6.87 21.94
CA LEU A 32 3.09 -8.29 22.12
C LEU A 32 4.58 -8.63 22.11
N PHE A 33 5.41 -7.80 21.48
CA PHE A 33 6.86 -7.99 21.49
C PHE A 33 7.60 -6.77 21.99
N LYS A 34 6.90 -5.71 22.40
CA LYS A 34 7.52 -4.47 22.88
C LYS A 34 8.43 -3.87 21.81
N ASP A 35 8.03 -4.00 20.55
CA ASP A 35 8.80 -3.52 19.40
C ASP A 35 7.97 -2.50 18.65
N ASN A 36 8.28 -1.22 18.84
CA ASN A 36 7.56 -0.14 18.16
C ASN A 36 8.24 0.29 16.87
N TYR A 37 9.12 -0.55 16.32
CA TYR A 37 9.88 -0.17 15.12
C TYR A 37 8.94 0.13 13.96
N LEU A 38 8.07 -0.83 13.61
CA LEU A 38 7.16 -0.63 12.49
C LEU A 38 6.21 0.53 12.75
N PHE A 39 5.78 0.70 14.01
CA PHE A 39 4.89 1.81 14.34
C PHE A 39 5.60 3.14 14.13
N LYS A 40 6.82 3.27 14.66
CA LYS A 40 7.60 4.50 14.45
C LYS A 40 7.85 4.74 12.98
N LEU A 41 8.20 3.68 12.24
CA LEU A 41 8.44 3.82 10.81
C LEU A 41 7.19 4.27 10.08
N ALA A 42 6.02 3.74 10.47
CA ALA A 42 4.78 4.09 9.80
C ALA A 42 4.42 5.55 10.01
N VAL A 43 4.40 6.01 11.27
CA VAL A 43 3.96 7.37 11.54
C VAL A 43 4.96 8.37 10.96
N PHE A 44 6.25 8.09 11.07
CA PHE A 44 7.25 9.03 10.56
C PHE A 44 7.18 9.14 9.04
N THR A 45 7.05 8.01 8.34
CA THR A 45 6.93 8.04 6.89
C THR A 45 5.69 8.81 6.45
N LEU A 46 4.56 8.58 7.13
CA LEU A 46 3.34 9.31 6.80
C LEU A 46 3.52 10.81 7.00
N ALA A 47 4.19 11.20 8.08
CA ALA A 47 4.42 12.63 8.34
C ALA A 47 5.27 13.25 7.24
N LEU A 48 6.41 12.63 6.92
CA LEU A 48 7.27 13.15 5.87
C LEU A 48 6.54 13.22 4.54
N GLU A 49 5.74 12.20 4.22
CA GLU A 49 4.96 12.22 2.99
C GLU A 49 3.93 13.35 3.01
N MET A 50 3.32 13.60 4.18
CA MET A 50 2.40 14.73 4.31
C MET A 50 3.07 16.03 3.90
N ILE A 51 4.30 16.25 4.37
CA ILE A 51 5.01 17.48 4.06
C ILE A 51 5.57 17.43 2.64
N LEU A 52 6.06 16.27 2.20
CA LEU A 52 6.69 16.17 0.89
C LEU A 52 5.67 16.29 -0.23
N PHE A 53 4.50 15.66 -0.07
CA PHE A 53 3.50 15.69 -1.14
C PHE A 53 2.99 17.09 -1.38
N VAL A 54 2.74 17.85 -0.30
CA VAL A 54 2.23 19.21 -0.47
C VAL A 54 3.34 20.14 -0.96
N LEU A 55 4.59 19.85 -0.64
CA LEU A 55 5.70 20.68 -1.13
C LEU A 55 5.94 20.46 -2.61
N LEU A 56 5.92 19.19 -3.05
CA LEU A 56 6.13 18.91 -4.47
C LEU A 56 4.95 19.40 -5.31
N SER A 57 3.75 19.44 -4.72
CA SER A 57 2.61 20.01 -5.43
C SER A 57 2.71 21.53 -5.52
N GLN A 58 3.28 22.17 -4.50
CA GLN A 58 3.40 23.62 -4.50
C GLN A 58 4.35 24.10 -5.61
N VAL A 59 5.38 23.32 -5.91
CA VAL A 59 6.39 23.76 -6.87
C VAL A 59 6.08 23.25 -8.28
N GLY A 60 4.91 22.64 -8.46
CA GLY A 60 4.49 22.23 -9.78
C GLY A 60 5.05 20.91 -10.26
N LEU A 61 5.57 20.07 -9.37
CA LEU A 61 6.10 18.77 -9.76
C LEU A 61 5.07 17.66 -9.71
N MET A 62 3.92 17.89 -9.09
CA MET A 62 2.86 16.89 -9.00
C MET A 62 1.59 17.57 -8.54
N GLN A 63 0.51 16.79 -8.55
CA GLN A 63 -0.74 17.14 -7.91
C GLN A 63 -1.20 15.95 -7.09
N MET A 64 -1.68 16.22 -5.88
CA MET A 64 -2.29 15.16 -5.09
C MET A 64 -3.61 14.74 -5.74
N ASN A 65 -3.92 13.46 -5.64
CA ASN A 65 -5.11 12.89 -6.27
C ASN A 65 -5.78 11.93 -5.29
N PRO A 66 -6.42 12.46 -4.26
CA PRO A 66 -7.07 11.60 -3.26
C PRO A 66 -8.15 10.74 -3.88
N LYS A 67 -8.20 9.49 -3.46
CA LYS A 67 -9.17 8.55 -4.01
C LYS A 67 -10.59 8.91 -3.56
N PRO A 68 -11.59 8.62 -4.39
CA PRO A 68 -12.97 9.01 -4.05
C PRO A 68 -13.48 8.28 -2.82
N LEU A 69 -14.39 8.95 -2.12
CA LEU A 69 -14.97 8.36 -0.91
C LEU A 69 -16.15 7.46 -1.26
N ASN A 70 -16.14 6.24 -0.72
CA ASN A 70 -17.24 5.29 -0.88
C ASN A 70 -17.38 4.54 0.44
N LEU A 71 -18.37 4.92 1.23
CA LEU A 71 -18.52 4.37 2.58
C LEU A 71 -18.65 2.86 2.54
N VAL A 72 -19.53 2.34 1.67
CA VAL A 72 -19.69 0.89 1.57
C VAL A 72 -18.41 0.24 1.06
N GLY A 73 -17.80 0.83 0.04
CA GLY A 73 -16.61 0.22 -0.54
C GLY A 73 -15.40 0.29 0.37
N ASN A 74 -15.14 1.46 0.96
CA ASN A 74 -13.96 1.61 1.81
C ASN A 74 -14.07 0.74 3.06
N ILE A 75 -15.27 0.61 3.62
CA ILE A 75 -15.43 -0.11 4.88
C ILE A 75 -15.44 -1.62 4.63
N ILE A 76 -16.35 -2.08 3.77
CA ILE A 76 -16.48 -3.51 3.53
C ILE A 76 -15.25 -4.04 2.78
N GLY A 77 -14.83 -3.33 1.75
CA GLY A 77 -13.63 -3.75 1.02
C GLY A 77 -12.38 -3.71 1.90
N GLY A 78 -12.28 -2.69 2.75
CA GLY A 78 -11.14 -2.62 3.65
C GLY A 78 -11.13 -3.75 4.66
N PHE A 79 -12.30 -4.07 5.23
CA PHE A 79 -12.39 -5.15 6.20
C PHE A 79 -12.02 -6.49 5.56
N VAL A 80 -12.58 -6.77 4.38
CA VAL A 80 -12.28 -8.02 3.69
C VAL A 80 -10.80 -8.09 3.33
N PHE A 81 -10.23 -6.97 2.89
CA PHE A 81 -8.80 -6.95 2.59
C PHE A 81 -7.98 -7.26 3.84
N GLY A 82 -8.43 -6.80 5.00
CA GLY A 82 -7.73 -7.10 6.23
C GLY A 82 -7.77 -8.58 6.58
N LEU A 83 -8.91 -9.23 6.33
CA LEU A 83 -9.01 -10.67 6.56
C LEU A 83 -8.03 -11.42 5.66
N GLY A 84 -8.03 -11.11 4.36
CA GLY A 84 -7.20 -11.85 3.42
C GLY A 84 -5.71 -11.67 3.67
N MET A 85 -5.30 -10.51 4.17
CA MET A 85 -3.88 -10.28 4.41
C MET A 85 -3.35 -11.16 5.54
N VAL A 86 -4.20 -11.52 6.50
CA VAL A 86 -3.76 -12.43 7.55
C VAL A 86 -3.68 -13.85 7.04
N LEU A 87 -4.69 -14.29 6.28
CA LEU A 87 -4.68 -15.63 5.70
C LEU A 87 -3.50 -15.80 4.75
N ALA A 88 -3.19 -14.77 3.96
N ALA A 88 -3.18 -14.76 3.98
CA ALA A 88 -2.12 -14.84 2.98
CA ALA A 88 -2.05 -14.78 3.07
C ALA A 88 -0.74 -14.59 3.58
C ALA A 88 -0.73 -14.46 3.75
N GLY A 89 -0.64 -14.46 4.90
N GLY A 89 -0.73 -14.28 5.07
CA GLY A 89 0.61 -14.05 5.52
CA GLY A 89 0.49 -13.95 5.77
C GLY A 89 1.07 -12.72 4.95
C GLY A 89 0.75 -12.46 5.84
N GLY A 90 0.11 -11.86 4.65
N GLY A 90 1.21 -11.88 4.73
CA GLY A 90 0.38 -10.64 3.92
CA GLY A 90 1.50 -10.48 4.64
C GLY A 90 1.16 -9.62 4.73
C GLY A 90 0.47 -9.72 3.81
N CYS A 91 1.45 -8.51 4.07
N CYS A 91 0.75 -8.42 3.65
CA CYS A 91 2.37 -7.50 4.57
CA CYS A 91 -0.14 -7.53 2.92
C CYS A 91 2.18 -6.22 3.77
C CYS A 91 0.26 -7.52 1.44
N ALA A 92 2.94 -5.19 4.14
N ALA A 92 -0.33 -6.59 0.67
CA ALA A 92 3.07 -4.02 3.30
CA ALA A 92 -0.06 -6.53 -0.75
C ALA A 92 3.71 -4.42 1.99
C ALA A 92 1.39 -6.18 -1.03
N SER A 93 2.90 -4.86 1.03
N SER A 93 2.04 -5.43 -0.14
CA SER A 93 3.34 -5.42 -0.25
CA SER A 93 3.47 -5.20 -0.28
C SER A 93 4.21 -6.67 -0.07
C SER A 93 4.25 -6.47 0.02
N GLY A 94 4.10 -7.32 1.09
N GLY A 94 3.97 -7.11 1.15
CA GLY A 94 4.88 -8.54 1.31
CA GLY A 94 4.68 -8.33 1.51
C GLY A 94 4.47 -9.68 0.41
C GLY A 94 4.45 -9.46 0.53
N VAL A 95 3.19 -9.76 0.07
N VAL A 95 3.19 -9.66 0.12
CA VAL A 95 2.78 -10.71 -0.97
CA VAL A 95 2.90 -10.68 -0.87
C VAL A 95 3.52 -10.41 -2.27
C VAL A 95 3.65 -10.41 -2.17
N THR A 96 3.81 -9.14 -2.54
CA THR A 96 4.54 -8.78 -3.74
C THR A 96 6.05 -8.91 -3.56
N TYR A 97 6.62 -8.26 -2.54
CA TYR A 97 8.08 -8.20 -2.49
C TYR A 97 8.70 -9.49 -1.98
N ARG A 98 8.01 -10.26 -1.13
CA ARG A 98 8.57 -11.54 -0.69
C ARG A 98 8.54 -12.59 -1.79
N VAL A 99 7.92 -12.30 -2.94
CA VAL A 99 8.10 -13.15 -4.10
C VAL A 99 9.56 -13.16 -4.53
N GLY A 100 10.18 -11.98 -4.53
CA GLY A 100 11.60 -11.87 -4.86
C GLY A 100 12.52 -12.46 -3.82
N GLU A 101 12.04 -12.65 -2.59
CA GLU A 101 12.84 -13.30 -1.56
C GLU A 101 12.91 -14.80 -1.72
N GLY A 102 11.95 -15.40 -2.40
CA GLY A 102 11.93 -16.83 -2.64
C GLY A 102 10.87 -17.61 -1.88
N LEU A 103 9.86 -16.95 -1.31
CA LEU A 103 8.82 -17.64 -0.57
C LEU A 103 7.76 -18.14 -1.55
N THR A 104 7.66 -19.46 -1.71
CA THR A 104 6.70 -20.02 -2.66
C THR A 104 5.26 -19.75 -2.24
N THR A 105 5.01 -19.60 -0.94
CA THR A 105 3.68 -19.21 -0.48
C THR A 105 3.27 -17.85 -1.05
N ALA A 106 4.23 -16.93 -1.15
CA ALA A 106 3.93 -15.63 -1.73
C ALA A 106 3.65 -15.74 -3.22
N TRP A 107 4.26 -16.72 -3.90
CA TRP A 107 3.97 -16.96 -5.31
C TRP A 107 2.49 -17.32 -5.50
N PHE A 108 1.96 -18.24 -4.69
CA PHE A 108 0.52 -18.51 -4.71
C PHE A 108 -0.29 -17.25 -4.49
N ALA A 109 -0.09 -16.65 -3.32
CA ALA A 109 -0.91 -15.53 -2.89
C ALA A 109 -0.98 -14.46 -3.97
N ALA A 110 0.16 -14.12 -4.56
CA ALA A 110 0.17 -13.12 -5.64
C ALA A 110 -0.70 -13.55 -6.80
N LEU A 111 -0.56 -14.81 -7.24
CA LEU A 111 -1.39 -15.31 -8.34
C LEU A 111 -2.86 -15.17 -8.01
N PHE A 112 -3.28 -15.63 -6.83
CA PHE A 112 -4.67 -15.52 -6.45
C PHE A 112 -5.05 -14.09 -6.09
N TYR A 113 -4.09 -13.29 -5.62
CA TYR A 113 -4.32 -11.85 -5.47
C TYR A 113 -4.56 -11.19 -6.81
N GLY A 114 -3.75 -11.53 -7.81
CA GLY A 114 -3.94 -10.94 -9.12
C GLY A 114 -5.21 -11.39 -9.80
N LEU A 115 -5.53 -12.68 -9.69
CA LEU A 115 -6.73 -13.21 -10.34
C LEU A 115 -8.00 -12.64 -9.69
N GLY A 116 -8.06 -12.67 -8.36
CA GLY A 116 -9.24 -12.15 -7.67
C GLY A 116 -9.47 -10.67 -7.94
N ALA A 117 -8.41 -9.87 -7.91
CA ALA A 117 -8.55 -8.45 -8.22
C ALA A 117 -8.97 -8.24 -9.68
N TYR A 118 -8.41 -9.03 -10.59
CA TYR A 118 -8.85 -9.00 -11.98
C TYR A 118 -10.32 -9.40 -12.08
N ALA A 119 -10.72 -10.47 -11.36
CA ALA A 119 -12.09 -10.94 -11.42
C ALA A 119 -13.07 -9.92 -10.83
N THR A 120 -12.65 -9.19 -9.80
CA THR A 120 -13.56 -8.23 -9.18
C THR A 120 -13.73 -6.98 -10.04
N LYS A 121 -12.70 -6.59 -10.78
CA LYS A 121 -12.79 -5.41 -11.61
C LYS A 121 -13.57 -5.68 -12.90
N SER A 122 -13.34 -6.83 -13.52
CA SER A 122 -13.86 -7.08 -14.85
C SER A 122 -14.41 -8.48 -15.07
N GLY A 123 -14.42 -9.34 -14.06
CA GLY A 123 -14.81 -10.71 -14.26
C GLY A 123 -16.00 -11.19 -13.46
N ALA A 124 -15.89 -12.42 -12.93
CA ALA A 124 -17.02 -13.07 -12.28
C ALA A 124 -17.49 -12.35 -11.02
N PHE A 125 -16.62 -11.55 -10.39
CA PHE A 125 -17.00 -10.81 -9.20
C PHE A 125 -17.34 -9.35 -9.49
N SER A 126 -17.36 -8.95 -10.76
CA SER A 126 -17.59 -7.55 -11.07
C SER A 126 -19.03 -7.11 -10.79
N TRP A 127 -19.96 -8.05 -10.64
CA TRP A 127 -21.31 -7.69 -10.22
C TRP A 127 -21.31 -7.09 -8.83
N TRP A 128 -20.41 -7.57 -7.95
CA TRP A 128 -20.30 -7.01 -6.62
C TRP A 128 -19.71 -5.60 -6.66
N LEU A 129 -18.67 -5.40 -7.45
CA LEU A 129 -18.09 -4.06 -7.58
C LEU A 129 -19.10 -3.10 -8.20
N SER A 130 -19.91 -3.58 -9.14
CA SER A 130 -20.92 -2.74 -9.75
C SER A 130 -21.99 -2.33 -8.75
N TRP A 131 -22.36 -3.25 -7.85
CA TRP A 131 -23.33 -2.92 -6.81
C TRP A 131 -22.75 -1.95 -5.78
N VAL A 132 -21.45 -2.07 -5.50
CA VAL A 132 -20.83 -1.21 -4.50
C VAL A 132 -20.73 0.22 -5.01
N GLY A 133 -20.49 0.40 -6.32
CA GLY A 133 -20.28 1.72 -6.88
C GLY A 133 -21.47 2.65 -6.76
N GLN A 134 -22.65 2.11 -6.47
CA GLN A 134 -23.84 2.96 -6.30
C GLN A 134 -23.78 3.81 -5.05
N PHE A 135 -22.86 3.52 -4.13
CA PHE A 135 -22.74 4.26 -2.88
C PHE A 135 -21.62 5.29 -2.91
N LYS A 136 -21.07 5.58 -4.08
CA LYS A 136 -19.98 6.53 -4.17
C LYS A 136 -20.45 7.92 -3.78
N SER A 137 -19.71 8.57 -2.89
CA SER A 137 -20.04 9.92 -2.49
C SER A 137 -19.74 10.88 -3.64
N PRO A 138 -20.66 11.80 -3.97
CA PRO A 138 -20.38 12.79 -5.01
C PRO A 138 -19.44 13.91 -4.58
N LEU A 139 -19.02 13.91 -3.31
CA LEU A 139 -18.10 14.94 -2.82
C LEU A 139 -16.80 14.91 -3.63
N SER A 140 -16.36 16.09 -4.04
CA SER A 140 -15.15 16.21 -4.85
C SER A 140 -14.43 17.50 -4.51
N VAL A 141 -13.16 17.55 -4.89
CA VAL A 141 -12.38 18.77 -4.86
C VAL A 141 -12.27 19.27 -6.29
N GLU A 142 -12.05 20.58 -6.45
CA GLU A 142 -11.88 21.14 -7.78
C GLU A 142 -10.41 21.43 -8.03
N GLU A 143 -10.09 21.62 -9.31
CA GLU A 143 -8.70 21.74 -9.75
C GLU A 143 -7.99 22.89 -9.06
N SER A 144 -6.75 22.64 -8.65
CA SER A 144 -5.88 23.65 -8.06
C SER A 144 -4.45 23.16 -8.25
N ALA A 145 -3.49 23.87 -7.64
CA ALA A 145 -2.11 23.41 -7.65
C ALA A 145 -1.93 22.17 -6.78
N TYR A 146 -2.85 21.93 -5.84
CA TYR A 146 -2.73 20.84 -4.89
C TYR A 146 -3.49 19.58 -5.30
N TYR A 147 -4.60 19.72 -6.02
CA TYR A 147 -5.48 18.60 -6.30
C TYR A 147 -5.77 18.49 -7.79
N VAL A 148 -5.85 17.25 -8.27
CA VAL A 148 -6.40 16.99 -9.60
C VAL A 148 -7.91 17.17 -9.55
N LYS A 149 -8.46 17.79 -10.59
CA LYS A 149 -9.90 18.05 -10.63
C LYS A 149 -10.70 16.75 -10.47
N GLY A 150 -11.75 16.83 -9.65
CA GLY A 150 -12.63 15.70 -9.43
C GLY A 150 -12.14 14.66 -8.44
N ALA A 151 -11.06 14.95 -7.71
CA ALA A 151 -10.54 14.00 -6.75
C ALA A 151 -11.42 13.96 -5.50
N GLY A 152 -11.14 12.98 -4.64
CA GLY A 152 -11.92 12.78 -3.44
C GLY A 152 -11.74 13.89 -2.42
N PRO A 153 -12.65 13.95 -1.44
CA PRO A 153 -12.52 14.95 -0.38
C PRO A 153 -11.37 14.62 0.55
N THR A 154 -10.79 15.67 1.12
CA THR A 154 -9.66 15.57 2.04
C THR A 154 -10.00 16.26 3.36
N ILE A 155 -9.07 16.18 4.30
CA ILE A 155 -9.27 16.84 5.60
C ILE A 155 -9.29 18.35 5.42
N SER A 156 -8.40 18.89 4.57
CA SER A 156 -8.37 20.33 4.35
C SER A 156 -9.55 20.80 3.51
N SER A 157 -9.86 20.06 2.44
CA SER A 157 -10.99 20.43 1.58
C SER A 157 -12.28 20.50 2.38
N VAL A 158 -12.50 19.53 3.27
CA VAL A 158 -13.70 19.54 4.10
C VAL A 158 -13.68 20.73 5.04
N LEU A 159 -12.53 20.99 5.66
CA LEU A 159 -12.40 22.12 6.57
C LEU A 159 -12.28 23.46 5.85
N GLY A 160 -12.11 23.46 4.53
CA GLY A 160 -11.93 24.71 3.81
C GLY A 160 -10.60 25.38 4.07
N LEU A 161 -9.56 24.60 4.34
CA LEU A 161 -8.23 25.13 4.63
C LEU A 161 -7.26 24.80 3.52
N ASN A 162 -6.21 25.60 3.42
CA ASN A 162 -5.12 25.30 2.50
C ASN A 162 -4.47 23.99 2.92
N PRO A 163 -4.21 23.06 1.98
CA PRO A 163 -3.70 21.74 2.38
C PRO A 163 -2.42 21.79 3.19
N TRP A 164 -1.68 22.90 3.12
CA TRP A 164 -0.48 23.04 3.94
C TRP A 164 -0.79 22.98 5.43
N ILE A 165 -1.95 23.49 5.83
CA ILE A 165 -2.23 23.72 7.25
C ILE A 165 -2.43 22.39 7.99
N PRO A 166 -3.39 21.53 7.63
CA PRO A 166 -3.50 20.26 8.36
C PRO A 166 -2.34 19.33 8.11
N ALA A 167 -1.71 19.41 6.93
CA ALA A 167 -0.51 18.62 6.68
C ALA A 167 0.59 18.95 7.67
N LEU A 168 0.85 20.25 7.88
CA LEU A 168 1.90 20.64 8.82
C LEU A 168 1.50 20.36 10.26
N VAL A 169 0.20 20.45 10.58
CA VAL A 169 -0.25 20.21 11.95
C VAL A 169 -0.19 18.72 12.28
N ILE A 170 -0.73 17.88 11.40
CA ILE A 170 -0.78 16.44 11.68
C ILE A 170 0.61 15.83 11.62
N ALA A 171 1.43 16.26 10.64
CA ALA A 171 2.79 15.74 10.55
C ALA A 171 3.64 16.16 11.76
N ALA A 172 3.50 17.42 12.19
CA ALA A 172 4.23 17.86 13.37
C ALA A 172 3.84 17.04 14.59
N LEU A 173 2.55 16.72 14.73
CA LEU A 173 2.11 15.85 15.81
C LEU A 173 2.65 14.44 15.63
N PHE A 174 2.69 13.95 14.38
CA PHE A 174 3.23 12.62 14.13
C PHE A 174 4.72 12.56 14.44
N ILE A 175 5.48 13.57 14.01
CA ILE A 175 6.91 13.62 14.30
C ILE A 175 7.15 13.72 15.80
N LEU A 176 6.31 14.48 16.50
CA LEU A 176 6.43 14.60 17.95
C LEU A 176 6.20 13.26 18.64
N TRP A 177 5.27 12.46 18.12
CA TRP A 177 5.00 11.16 18.71
C TRP A 177 6.12 10.17 18.41
N ALA A 178 6.60 10.14 17.17
CA ALA A 178 7.62 9.17 16.78
C ALA A 178 8.92 9.40 17.55
N PHE A 179 9.29 10.66 17.78
CA PHE A 179 10.50 10.98 18.51
C PHE A 179 10.27 11.13 20.01
N GLY A 180 9.05 11.45 20.43
CA GLY A 180 8.73 11.58 21.84
C GLY A 180 9.03 10.32 22.62
N THR A 181 8.24 9.28 22.42
CA THR A 181 8.58 7.96 22.94
C THR A 181 9.78 7.43 22.19
N LYS A 182 10.91 7.28 22.88
CA LYS A 182 12.12 6.78 22.25
C LYS A 182 11.95 5.29 21.95
N THR A 183 12.28 4.89 20.73
CA THR A 183 11.98 3.55 20.25
C THR A 183 12.70 2.49 21.09
N THR A 184 12.13 1.29 21.09
CA THR A 184 12.52 0.23 22.02
C THR A 184 13.06 -0.97 21.25
N SER A 185 14.36 -1.23 21.41
CA SER A 185 14.99 -2.50 21.06
C SER A 185 14.93 -2.85 19.57
N ARG A 186 15.99 -2.51 18.84
CA ARG A 186 16.27 -3.02 17.51
C ARG A 186 17.65 -2.54 17.10
N GLU A 187 18.43 -3.42 16.48
CA GLU A 187 19.84 -3.16 16.20
C GLU A 187 20.17 -3.06 14.72
N THR A 188 19.15 -3.00 13.86
CA THR A 188 19.41 -2.82 12.43
C THR A 188 19.90 -1.40 12.16
N LYS A 189 20.98 -1.29 11.38
CA LYS A 189 21.45 0.05 10.98
C LYS A 189 20.38 0.76 10.17
N PHE A 190 19.72 0.04 9.26
CA PHE A 190 18.58 0.59 8.56
C PHE A 190 17.46 0.89 9.55
N ASN A 191 17.68 1.87 10.43
CA ASN A 191 16.74 2.17 11.48
C ASN A 191 15.53 2.91 10.93
N TRP A 192 14.46 2.97 11.73
CA TRP A 192 13.21 3.57 11.28
C TRP A 192 13.38 5.01 10.80
N LYS A 193 14.45 5.69 11.24
CA LYS A 193 14.67 7.07 10.80
C LYS A 193 15.17 7.11 9.36
N ILE A 194 16.22 6.34 9.05
CA ILE A 194 16.76 6.36 7.70
C ILE A 194 15.78 5.69 6.72
N ALA A 195 15.02 4.70 7.19
CA ALA A 195 14.10 4.01 6.29
C ALA A 195 12.88 4.85 5.98
N SER A 196 12.45 5.71 6.90
CA SER A 196 11.32 6.59 6.63
C SER A 196 11.68 7.65 5.60
N VAL A 197 12.88 8.21 5.69
CA VAL A 197 13.31 9.22 4.72
C VAL A 197 13.42 8.60 3.34
N CYS A 198 14.08 7.44 3.24
CA CYS A 198 14.21 6.76 1.95
C CYS A 198 12.85 6.40 1.38
N LEU A 199 11.95 5.88 2.21
CA LEU A 199 10.62 5.50 1.73
C LEU A 199 9.83 6.71 1.28
N ALA A 200 9.98 7.84 1.99
CA ALA A 200 9.27 9.05 1.59
C ALA A 200 9.85 9.61 0.29
N LEU A 201 11.17 9.60 0.14
CA LEU A 201 11.77 10.07 -1.10
C LEU A 201 11.36 9.19 -2.28
N VAL A 202 11.28 7.87 -2.06
CA VAL A 202 10.85 6.97 -3.11
C VAL A 202 9.38 7.23 -3.48
N ALA A 203 8.54 7.45 -2.47
CA ALA A 203 7.14 7.76 -2.73
C ALA A 203 7.01 9.08 -3.47
N GLY A 204 7.88 10.05 -3.17
CA GLY A 204 7.86 11.30 -3.90
C GLY A 204 8.30 11.14 -5.34
N LEU A 205 9.38 10.38 -5.57
CA LEU A 205 9.79 10.07 -6.92
C LEU A 205 8.71 9.26 -7.65
N GLY A 206 8.01 8.39 -6.92
CA GLY A 206 6.94 7.64 -7.54
C GLY A 206 5.79 8.51 -7.99
N PHE A 207 5.39 9.46 -7.14
CA PHE A 207 4.28 10.35 -7.50
C PHE A 207 4.65 11.25 -8.68
N ILE A 208 5.91 11.67 -8.77
CA ILE A 208 6.32 12.59 -9.84
C ILE A 208 6.40 11.85 -11.17
N THR A 209 7.11 10.72 -11.20
CA THR A 209 7.36 10.04 -12.47
C THR A 209 6.09 9.37 -13.00
N SER A 210 5.23 8.85 -12.10
CA SER A 210 3.98 8.26 -12.57
C SER A 210 3.08 9.30 -13.21
N THR A 211 3.04 10.51 -12.63
CA THR A 211 2.22 11.58 -13.21
C THR A 211 2.68 11.93 -14.62
N LEU A 212 4.00 11.92 -14.85
CA LEU A 212 4.50 12.19 -16.19
C LEU A 212 4.07 11.11 -17.18
N SER A 213 3.92 9.88 -16.71
CA SER A 213 3.48 8.79 -17.57
C SER A 213 1.97 8.77 -17.77
N GLY A 214 1.23 9.66 -17.12
CA GLY A 214 -0.20 9.76 -17.32
C GLY A 214 -1.05 9.21 -16.19
N ARG A 215 -0.44 8.56 -15.20
CA ARG A 215 -1.16 8.04 -14.03
C ARG A 215 -0.89 8.99 -12.86
N LYS A 216 -1.90 9.76 -12.49
CA LYS A 216 -1.75 10.79 -11.47
C LYS A 216 -1.99 10.20 -10.08
N TYR A 217 -1.00 9.44 -9.62
CA TYR A 217 -1.02 8.87 -8.28
C TYR A 217 0.38 8.45 -7.90
N GLY A 218 0.56 8.14 -6.62
CA GLY A 218 1.85 7.66 -6.12
C GLY A 218 1.99 6.16 -6.19
N LEU A 219 2.64 5.57 -5.19
CA LEU A 219 2.87 4.14 -5.18
C LEU A 219 1.56 3.37 -5.02
N GLY A 220 1.46 2.23 -5.71
CA GLY A 220 0.30 1.38 -5.62
C GLY A 220 0.69 -0.07 -5.87
N ILE A 221 -0.26 -0.97 -5.61
CA ILE A 221 0.00 -2.40 -5.81
C ILE A 221 -1.08 -3.02 -6.69
N THR A 222 -2.35 -2.84 -6.31
CA THR A 222 -3.42 -3.60 -6.93
C THR A 222 -3.55 -3.28 -8.42
N GLY A 223 -3.42 -2.01 -8.79
CA GLY A 223 -3.50 -1.66 -10.20
C GLY A 223 -2.35 -2.22 -11.02
N GLY A 224 -1.18 -2.37 -10.40
CA GLY A 224 -0.05 -2.93 -11.13
C GLY A 224 -0.23 -4.41 -11.42
N TRP A 225 -0.74 -5.17 -10.46
CA TRP A 225 -0.99 -6.60 -10.69
C TRP A 225 -2.06 -6.81 -11.75
N ILE A 226 -3.11 -5.98 -11.74
CA ILE A 226 -4.13 -6.08 -12.77
C ILE A 226 -3.55 -5.75 -14.14
N ASN A 227 -2.71 -4.72 -14.19
CA ASN A 227 -2.11 -4.32 -15.46
C ASN A 227 -1.19 -5.40 -16.01
N LEU A 228 -0.51 -6.15 -15.13
CA LEU A 228 0.34 -7.24 -15.59
C LEU A 228 -0.49 -8.39 -16.14
N PHE A 229 -1.53 -8.81 -15.41
CA PHE A 229 -2.37 -9.90 -15.87
C PHE A 229 -3.11 -9.53 -17.15
N GLN A 230 -3.55 -8.27 -17.25
CA GLN A 230 -4.21 -7.81 -18.47
C GLN A 230 -3.27 -7.89 -19.66
N GLY A 231 -2.02 -7.46 -19.48
CA GLY A 231 -1.07 -7.50 -20.57
C GLY A 231 -0.72 -8.92 -21.00
N PHE A 232 -0.68 -9.85 -20.05
CA PHE A 232 -0.31 -11.22 -20.38
C PHE A 232 -1.45 -11.95 -21.10
N LEU A 233 -2.68 -11.70 -20.69
CA LEU A 233 -3.82 -12.45 -21.20
C LEU A 233 -4.59 -11.73 -22.30
N THR A 234 -4.42 -10.42 -22.46
CA THR A 234 -5.12 -9.67 -23.49
C THR A 234 -4.19 -8.96 -24.45
N ASN A 235 -2.88 -9.03 -24.24
CA ASN A 235 -1.88 -8.33 -25.05
C ASN A 235 -1.98 -6.82 -24.95
N SER A 236 -2.61 -6.31 -23.89
CA SER A 236 -2.66 -4.88 -23.68
C SER A 236 -1.29 -4.38 -23.21
N PRO A 237 -0.93 -3.15 -23.58
CA PRO A 237 0.38 -2.62 -23.17
C PRO A 237 0.44 -2.37 -21.67
N LEU A 238 1.65 -2.53 -21.12
CA LEU A 238 1.88 -2.27 -19.72
C LEU A 238 1.97 -0.77 -19.46
N ASN A 239 1.67 -0.38 -18.23
CA ASN A 239 1.76 1.01 -17.80
C ASN A 239 2.79 1.15 -16.68
N TRP A 240 2.87 2.36 -16.13
CA TRP A 240 3.82 2.66 -15.06
C TRP A 240 3.63 1.75 -13.86
N GLU A 241 2.37 1.47 -13.49
CA GLU A 241 2.11 0.65 -12.31
C GLU A 241 2.45 -0.81 -12.54
N GLY A 242 2.28 -1.31 -13.78
CA GLY A 242 2.64 -2.68 -14.06
C GLY A 242 4.14 -2.92 -13.96
N LEU A 243 4.94 -2.00 -14.53
CA LEU A 243 6.38 -2.12 -14.41
C LEU A 243 6.86 -1.81 -12.99
N GLU A 244 6.05 -1.11 -12.19
CA GLU A 244 6.41 -0.89 -10.80
C GLU A 244 6.39 -2.20 -10.01
N ILE A 245 5.35 -3.01 -10.20
CA ILE A 245 5.29 -4.32 -9.55
C ILE A 245 6.50 -5.17 -9.95
N VAL A 246 6.83 -5.15 -11.23
CA VAL A 246 8.02 -5.86 -11.69
C VAL A 246 9.27 -5.35 -10.97
N GLY A 247 9.38 -4.02 -10.83
CA GLY A 247 10.52 -3.46 -10.14
C GLY A 247 10.57 -3.83 -8.67
N ILE A 248 9.41 -3.84 -8.01
CA ILE A 248 9.35 -4.21 -6.59
C ILE A 248 9.91 -5.61 -6.39
N ILE A 249 9.42 -6.57 -7.18
CA ILE A 249 9.90 -7.95 -7.08
C ILE A 249 11.39 -8.02 -7.39
N LEU A 250 11.82 -7.31 -8.45
CA LEU A 250 13.24 -7.31 -8.80
C LEU A 250 14.07 -6.66 -7.70
N GLY A 251 13.61 -5.53 -7.15
CA GLY A 251 14.38 -4.84 -6.14
C GLY A 251 14.50 -5.64 -4.85
N ALA A 252 13.39 -6.26 -4.41
CA ALA A 252 13.45 -7.07 -3.21
C ALA A 252 14.32 -8.30 -3.42
N GLY A 253 14.31 -8.87 -4.62
CA GLY A 253 15.17 -10.01 -4.91
C GLY A 253 16.64 -9.64 -4.88
N VAL A 254 16.99 -8.50 -5.47
CA VAL A 254 18.38 -8.04 -5.44
C VAL A 254 18.83 -7.82 -4.00
N ALA A 255 18.02 -7.10 -3.22
CA ALA A 255 18.39 -6.81 -1.83
C ALA A 255 18.53 -8.08 -1.01
N ALA A 256 17.59 -9.02 -1.16
CA ALA A 256 17.67 -10.27 -0.41
C ALA A 256 18.91 -11.08 -0.80
N ALA A 257 19.24 -11.12 -2.08
CA ALA A 257 20.40 -11.88 -2.53
C ALA A 257 21.70 -11.23 -2.06
N VAL A 258 21.80 -9.91 -2.17
CA VAL A 258 23.02 -9.21 -1.74
C VAL A 258 23.24 -9.41 -0.24
N ALA A 259 22.16 -9.36 0.55
CA ALA A 259 22.26 -9.55 1.98
C ALA A 259 22.33 -11.02 2.39
N GLY A 260 22.44 -11.93 1.43
CA GLY A 260 22.45 -13.35 1.73
C GLY A 260 21.15 -13.89 2.27
N GLU A 261 20.04 -13.19 2.07
CA GLU A 261 18.76 -13.58 2.63
C GLU A 261 17.83 -14.24 1.61
N PHE A 262 18.28 -14.48 0.39
CA PHE A 262 17.46 -15.16 -0.59
C PHE A 262 17.55 -16.68 -0.39
N LYS A 263 16.39 -17.32 -0.40
CA LYS A 263 16.32 -18.78 -0.36
C LYS A 263 14.92 -19.25 -0.73
N LEU A 264 14.82 -20.15 -1.70
CA LEU A 264 13.55 -20.77 -2.01
C LEU A 264 13.04 -21.52 -0.79
N ARG A 265 11.82 -21.20 -0.35
CA ARG A 265 11.29 -21.70 0.90
C ARG A 265 9.89 -22.27 0.71
N MET A 266 9.53 -23.18 1.61
CA MET A 266 8.23 -23.82 1.68
C MET A 266 7.70 -23.72 3.10
N PRO A 267 6.38 -23.69 3.27
CA PRO A 267 5.82 -23.69 4.63
C PRO A 267 6.05 -25.03 5.31
N LYS A 268 5.84 -25.03 6.62
CA LYS A 268 6.03 -26.27 7.39
C LYS A 268 4.94 -27.29 7.07
N ASN A 269 3.71 -26.83 6.80
CA ASN A 269 2.59 -27.70 6.49
C ASN A 269 1.97 -27.28 5.16
N PRO A 270 1.69 -28.22 4.25
CA PRO A 270 1.17 -27.84 2.93
C PRO A 270 -0.17 -27.13 2.96
N VAL A 271 -0.95 -27.27 4.03
CA VAL A 271 -2.24 -26.60 4.10
C VAL A 271 -2.09 -25.09 4.10
N THR A 272 -0.90 -24.58 4.46
CA THR A 272 -0.65 -23.14 4.38
C THR A 272 -0.87 -22.63 2.97
N TYR A 273 -0.53 -23.45 1.96
CA TYR A 273 -0.72 -23.04 0.57
C TYR A 273 -2.19 -22.76 0.27
N LEU A 274 -3.09 -23.65 0.68
CA LEU A 274 -4.51 -23.39 0.54
C LEU A 274 -4.92 -22.15 1.33
N GLN A 275 -4.28 -21.92 2.47
CA GLN A 275 -4.63 -20.79 3.32
C GLN A 275 -4.24 -19.46 2.68
N VAL A 276 -3.04 -19.39 2.09
CA VAL A 276 -2.60 -18.14 1.48
C VAL A 276 -3.29 -17.85 0.16
N GLY A 277 -3.86 -18.86 -0.49
CA GLY A 277 -4.55 -18.67 -1.75
C GLY A 277 -5.93 -18.08 -1.56
N ILE A 278 -6.64 -18.53 -0.54
CA ILE A 278 -7.89 -17.87 -0.15
C ILE A 278 -7.60 -16.46 0.34
N GLY A 279 -6.47 -16.29 1.03
CA GLY A 279 -6.07 -14.95 1.44
C GLY A 279 -5.84 -14.03 0.25
N GLY A 280 -5.16 -14.53 -0.78
CA GLY A 280 -4.95 -13.72 -1.97
C GLY A 280 -6.24 -13.35 -2.66
N LEU A 281 -7.20 -14.28 -2.71
CA LEU A 281 -8.50 -13.98 -3.30
C LEU A 281 -9.23 -12.91 -2.51
N LEU A 282 -9.26 -13.06 -1.17
CA LEU A 282 -9.89 -12.03 -0.35
C LEU A 282 -9.17 -10.70 -0.49
N MET A 283 -7.85 -10.72 -0.59
CA MET A 283 -7.10 -9.49 -0.79
C MET A 283 -7.44 -8.84 -2.13
N GLY A 284 -7.57 -9.66 -3.18
CA GLY A 284 -7.94 -9.12 -4.48
C GLY A 284 -9.36 -8.58 -4.49
N ILE A 285 -10.27 -9.29 -3.84
CA ILE A 285 -11.65 -8.81 -3.72
C ILE A 285 -11.70 -7.52 -2.90
N GLY A 286 -11.01 -7.53 -1.75
CA GLY A 286 -11.12 -6.40 -0.83
C GLY A 286 -10.43 -5.14 -1.34
N ALA A 287 -9.27 -5.30 -1.99
CA ALA A 287 -8.52 -4.14 -2.43
C ALA A 287 -9.24 -3.39 -3.55
N VAL A 288 -9.79 -4.13 -4.52
CA VAL A 288 -10.51 -3.48 -5.61
C VAL A 288 -11.78 -2.83 -5.08
N THR A 289 -12.53 -3.55 -4.23
CA THR A 289 -13.73 -2.99 -3.63
C THR A 289 -13.42 -1.70 -2.87
N ALA A 290 -12.37 -1.71 -2.05
CA ALA A 290 -12.02 -0.54 -1.27
C ALA A 290 -11.32 0.54 -2.08
N GLY A 291 -10.94 0.24 -3.32
CA GLY A 291 -10.24 1.23 -4.13
C GLY A 291 -8.77 1.40 -3.81
N GLY A 292 -8.16 0.43 -3.16
CA GLY A 292 -6.74 0.51 -2.85
C GLY A 292 -6.36 -0.49 -1.77
N CYS A 293 -5.05 -0.72 -1.66
CA CYS A 293 -4.48 -1.68 -0.74
C CYS A 293 -3.70 -0.94 0.36
N ASN A 294 -2.81 -1.66 1.06
CA ASN A 294 -2.01 -1.06 2.11
CA ASN A 294 -2.02 -1.04 2.11
C ASN A 294 -1.06 0.00 1.58
N ILE A 295 -0.82 0.03 0.27
CA ILE A 295 0.05 1.03 -0.35
C ILE A 295 -0.78 2.14 -0.98
N GLY A 296 -1.72 1.78 -1.86
CA GLY A 296 -2.51 2.79 -2.53
C GLY A 296 -3.37 3.62 -1.60
N HIS A 297 -3.86 3.02 -0.52
CA HIS A 297 -4.69 3.72 0.45
C HIS A 297 -3.91 4.20 1.66
N PHE A 298 -3.22 3.29 2.34
CA PHE A 298 -2.57 3.67 3.60
C PHE A 298 -1.30 4.49 3.37
N LEU A 299 -0.34 3.91 2.66
CA LEU A 299 0.96 4.57 2.54
C LEU A 299 0.88 5.82 1.67
N THR A 300 0.09 5.77 0.59
CA THR A 300 0.03 6.86 -0.37
C THR A 300 -1.17 7.78 -0.16
N GLY A 301 -2.30 7.25 0.29
CA GLY A 301 -3.51 8.03 0.40
C GLY A 301 -3.65 8.79 1.70
N VAL A 302 -3.20 8.17 2.81
CA VAL A 302 -3.30 8.83 4.11
C VAL A 302 -2.52 10.14 4.15
N PRO A 303 -1.27 10.22 3.69
CA PRO A 303 -0.57 11.52 3.72
C PRO A 303 -1.24 12.59 2.88
N GLN A 304 -1.99 12.19 1.84
CA GLN A 304 -2.82 13.14 1.11
C GLN A 304 -4.03 13.59 1.89
N LEU A 305 -4.22 13.09 3.11
CA LEU A 305 -5.35 13.43 3.97
C LEU A 305 -6.67 13.05 3.32
N ALA A 306 -6.65 12.01 2.48
CA ALA A 306 -7.86 11.53 1.84
C ALA A 306 -8.76 10.85 2.86
N LEU A 307 -10.06 11.22 2.85
CA LEU A 307 -10.99 10.62 3.79
C LEU A 307 -11.22 9.15 3.50
N SER A 308 -11.26 8.79 2.21
CA SER A 308 -11.45 7.38 1.84
C SER A 308 -10.27 6.53 2.32
N SER A 309 -9.06 7.06 2.23
CA SER A 309 -7.87 6.29 2.62
C SER A 309 -7.82 6.09 4.13
N TRP A 310 -8.10 7.14 4.90
CA TRP A 310 -8.11 7.00 6.36
C TRP A 310 -9.20 6.02 6.79
N LEU A 311 -10.37 6.10 6.16
CA LEU A 311 -11.46 5.19 6.52
C LEU A 311 -11.13 3.75 6.16
N ALA A 312 -10.51 3.54 4.99
CA ALA A 312 -10.16 2.19 4.57
C ALA A 312 -9.08 1.58 5.46
N SER A 313 -8.10 2.39 5.89
CA SER A 313 -7.04 1.85 6.73
C SER A 313 -7.56 1.46 8.11
N ILE A 314 -8.61 2.13 8.58
CA ILE A 314 -9.26 1.73 9.83
C ILE A 314 -9.71 0.29 9.74
N PHE A 315 -10.40 -0.05 8.64
CA PHE A 315 -10.96 -1.39 8.53
C PHE A 315 -9.98 -2.41 7.97
N PHE A 316 -8.86 -1.95 7.38
CA PHE A 316 -7.73 -2.85 7.20
C PHE A 316 -7.33 -3.46 8.53
N ILE A 317 -7.27 -2.63 9.57
CA ILE A 317 -6.82 -3.08 10.87
C ILE A 317 -7.89 -3.92 11.56
N LEU A 318 -9.16 -3.53 11.43
CA LEU A 318 -10.23 -4.30 12.04
C LEU A 318 -10.38 -5.66 11.38
N GLY A 319 -10.24 -5.72 10.05
CA GLY A 319 -10.23 -6.99 9.37
C GLY A 319 -9.02 -7.83 9.73
N ASN A 320 -7.88 -7.18 9.95
CA ASN A 320 -6.69 -7.91 10.40
C ASN A 320 -6.92 -8.51 11.79
N TRP A 321 -7.44 -7.71 12.72
CA TRP A 321 -7.71 -8.19 14.08
C TRP A 321 -8.69 -9.36 14.06
N THR A 322 -9.76 -9.24 13.26
CA THR A 322 -10.79 -10.27 13.22
C THR A 322 -10.21 -11.61 12.77
N MET A 323 -9.47 -11.61 11.66
CA MET A 323 -8.92 -12.86 11.13
C MET A 323 -7.77 -13.37 11.98
N ALA A 324 -7.01 -12.48 12.61
CA ALA A 324 -5.94 -12.90 13.50
C ALA A 324 -6.49 -13.67 14.71
N TRP A 325 -7.68 -13.31 15.18
CA TRP A 325 -8.30 -14.06 16.26
C TRP A 325 -8.90 -15.36 15.76
N ILE A 326 -9.50 -15.35 14.57
CA ILE A 326 -10.06 -16.56 13.99
C ILE A 326 -8.98 -17.62 13.82
N LEU A 327 -7.81 -17.23 13.33
CA LEU A 327 -6.73 -18.18 13.10
C LEU A 327 -6.04 -18.56 14.40
N PHE A 328 -5.54 -17.56 15.13
CA PHE A 328 -4.75 -17.83 16.33
C PHE A 328 -5.59 -17.62 17.59
S1 THJ B . -4.20 0.90 -6.04
O1 THJ B . -3.92 2.30 -5.91
O2 THJ B . -5.63 0.69 -6.05
O3 THJ B . -3.61 0.38 -7.24
S2 THJ B . -3.43 -0.07 -4.47
C18 OLC C . -11.83 16.34 9.54
C10 OLC C . -8.89 12.48 12.62
C9 OLC C . -9.90 11.91 11.95
C17 OLC C . -12.12 16.78 10.97
C11 OLC C . -7.81 13.21 11.88
C8 OLC C . -9.95 11.96 10.45
C24 OLC C . -19.87 10.29 4.91
C16 OLC C . -11.00 17.64 11.53
C12 OLC C . -7.32 14.39 12.72
C7 OLC C . -10.09 10.53 9.93
C15 OLC C . -10.25 16.92 12.65
C13 OLC C . -8.49 15.22 13.24
C6 OLC C . -11.15 10.44 8.84
C14 OLC C . -9.22 15.93 12.10
C5 OLC C . -11.48 8.98 8.56
C4 OLC C . -12.55 8.88 7.49
C3 OLC C . -13.90 9.34 8.03
C2 OLC C . -14.83 9.77 6.90
C21 OLC C . -18.70 9.85 7.10
C1 OLC C . -16.25 9.47 7.30
C22 OLC C . -19.68 10.76 6.36
O19 OLC C . -16.45 8.68 8.22
O25 OLC C . -21.02 10.93 4.36
O23 OLC C . -20.95 10.73 7.02
O20 OLC C . -17.37 10.10 6.65
C18 OLC D . 12.67 14.78 -3.71
C10 OLC D . 15.22 7.59 -4.17
C9 OLC D . 15.80 6.63 -3.45
C17 OLC D . 11.99 14.30 -4.97
C11 OLC D . 15.31 9.04 -3.79
C8 OLC D . 16.57 6.94 -2.19
C24 OLC D . 21.00 -2.17 5.99
C16 OLC D . 12.68 13.07 -5.53
C12 OLC D . 15.49 9.88 -5.05
C7 OLC D . 16.57 5.70 -1.29
C15 OLC D . 14.12 13.36 -5.94
C13 OLC D . 14.98 11.30 -4.83
C6 OLC D . 16.94 4.47 -2.11
C14 OLC D . 14.91 12.08 -6.14
C5 OLC D . 16.87 3.18 -1.29
C4 OLC D . 18.15 2.96 -0.48
C3 OLC D . 18.05 1.68 0.35
C2 OLC D . 19.35 1.38 1.08
C21 OLC D . 19.95 -1.12 3.98
C1 OLC D . 19.13 0.23 2.04
C22 OLC D . 21.25 -1.60 4.59
O19 OLC D . 18.03 -0.29 2.13
O25 OLC D . 20.23 -3.38 5.90
O23 OLC D . 21.81 -2.62 3.77
O20 OLC D . 20.22 -0.27 2.86
C18 OLC E . 17.54 18.75 -3.81
C10 OLC E . 18.28 10.41 -1.68
C9 OLC E . 18.59 9.48 -0.78
C17 OLC E . 17.59 17.41 -3.13
C11 OLC E . 19.27 11.49 -2.02
C8 OLC E . 19.93 9.52 -0.08
C24 OLC E . 25.48 -0.81 6.29
C16 OLC E . 16.18 16.81 -2.98
C12 OLC E . 18.61 12.48 -2.97
C7 OLC E . 19.82 8.84 1.28
C15 OLC E . 16.25 15.46 -2.27
C13 OLC E . 17.54 13.29 -2.23
C6 OLC E . 20.03 7.34 1.13
C14 OLC E . 17.05 14.45 -3.08
C5 OLC E . 20.54 6.73 2.43
C4 OLC E . 20.89 5.25 2.22
C3 OLC E . 21.45 4.65 3.50
C2 OLC E . 21.75 3.17 3.30
C21 OLC E . 23.87 0.99 5.67
C1 OLC E . 22.26 2.57 4.60
C22 OLC E . 25.31 0.50 5.51
O19 OLC E . 21.56 2.58 5.60
O25 OLC E . 26.83 -1.29 6.15
O23 OLC E . 25.59 0.27 4.13
O20 OLC E . 23.58 1.95 4.66
C18 OLC F . -2.51 -0.83 7.95
C10 OLC F . -1.10 6.18 11.94
C9 OLC F . -1.85 6.58 10.92
C17 OLC F . -1.76 -1.02 9.26
C11 OLC F . -1.36 4.83 12.58
C8 OLC F . -2.97 5.70 10.40
C24 OLC F . -4.67 0.59 18.09
C16 OLC F . -1.34 0.31 9.85
C12 OLC F . -0.29 3.83 12.16
C7 OLC F . -4.17 6.53 9.98
C15 OLC F . -0.56 0.12 11.15
C13 OLC F . -0.91 2.45 12.04
C6 OLC F . -5.45 5.69 10.01
C14 OLC F . 0.12 1.41 11.59
C5 OLC F . -6.20 5.91 11.31
C4 OLC F . -6.51 4.59 12.01
C3 OLC F . -5.27 4.00 12.66
C2 OLC F . -5.28 4.17 14.18
C21 OLC F . -6.56 1.66 16.84
C1 OLC F . -6.02 3.03 14.83
C22 OLC F . -6.00 1.34 18.22
O19 OLC F . -6.76 2.30 14.17
O25 OLC F . -4.24 0.13 19.37
O23 OLC F . -5.78 2.57 18.94
O20 OLC F . -5.85 2.75 16.25
C18 OLC G . 7.51 -11.40 -21.62
C10 OLC G . 2.65 -15.89 -15.95
C9 OLC G . 2.05 -15.41 -14.87
C17 OLC G . 6.64 -12.47 -20.99
C11 OLC G . 3.65 -15.03 -16.71
C8 OLC G . 2.37 -14.01 -14.38
C24 OLC G . 2.74 -7.26 -24.68
C16 OLC G . 7.50 -13.53 -20.32
C12 OLC G . 4.97 -15.77 -16.86
C7 OLC G . 1.22 -13.07 -14.69
C15 OLC G . 6.64 -14.70 -19.84
C13 OLC G . 6.04 -14.82 -17.41
C6 OLC G . 1.75 -11.64 -14.89
C14 OLC G . 5.65 -14.27 -18.77
C5 OLC G . 2.89 -11.65 -15.90
C4 OLC G . 3.12 -10.27 -16.50
C3 OLC G . 3.60 -10.39 -17.94
C2 OLC G . 3.43 -9.06 -18.68
C21 OLC G . 2.97 -8.37 -22.46
C1 OLC G . 3.37 -9.29 -20.17
C22 OLC G . 2.83 -7.03 -23.17
O19 OLC G . 3.47 -10.41 -20.64
O25 OLC G . 2.89 -6.00 -25.35
O23 OLC G . 1.63 -6.38 -22.72
O20 OLC G . 3.19 -8.16 -21.06
C18 OLC H . 4.96 -12.31 -11.97
C10 OLC H . 12.77 -11.89 -9.70
C9 OLC H . 13.86 -11.74 -8.95
C17 OLC H . 5.88 -11.27 -12.59
C11 OLC H . 12.21 -10.70 -10.46
C8 OLC H . 14.41 -12.91 -8.18
C24 OLC H . 24.17 -19.71 -4.38
C16 OLC H . 7.23 -11.28 -11.90
C12 OLC H . 11.77 -11.17 -11.85
C7 OLC H . 15.93 -12.80 -8.11
C15 OLC H . 8.15 -10.24 -12.53
C13 OLC H . 10.27 -11.44 -11.88
C6 OLC H . 16.55 -14.14 -7.70
C14 OLC H . 9.48 -10.14 -11.78
C5 OLC H . 17.83 -13.97 -6.91
C4 OLC H . 18.49 -15.32 -6.64
C3 OLC H . 19.59 -15.23 -5.60
C2 OLC H . 20.37 -16.54 -5.56
C21 OLC H . 23.20 -17.73 -3.21
C1 OLC H . 21.33 -16.57 -4.39
C22 OLC H . 23.74 -19.15 -3.04
O19 OLC H . 21.39 -15.65 -3.59
O25 OLC H . 25.39 -19.09 -4.80
O23 OLC H . 24.87 -19.13 -2.15
O20 OLC H . 22.21 -17.72 -4.23
C18 OLC I . 6.69 19.79 10.56
C10 OLC I . 7.20 25.93 5.53
C9 OLC I . 6.34 26.67 4.83
C17 OLC I . 7.85 20.68 10.96
C11 OLC I . 6.89 24.49 5.88
C8 OLC I . 5.03 26.08 4.39
C24 OLC I . -1.15 28.00 -4.43
C16 OLC I . 8.76 20.95 9.77
C12 OLC I . 8.19 23.72 6.04
C7 OLC I . 3.91 27.11 4.52
C15 OLC I . 8.04 21.72 8.68
C13 OLC I . 7.95 22.22 6.22
C6 OLC I . 4.08 28.22 3.48
C14 OLC I . 8.78 21.64 7.35
C5 OLC I . 4.23 27.64 2.08
C4 OLC I . 3.43 28.46 1.08
C3 OLC I . 1.94 28.18 1.19
C2 OLC I . 1.09 29.35 0.69
C21 OLC I . -0.16 29.71 -2.93
C1 OLC I . 1.12 29.44 -0.81
C22 OLC I . -1.45 29.22 -3.59
O19 OLC I . 2.15 29.70 -1.42
O25 OLC I . -0.18 28.33 -5.42
O23 OLC I . -2.41 28.88 -2.57
O20 OLC I . -0.10 29.24 -1.58
C18 OLC J . 4.38 -15.61 -9.01
C10 OLC J . 12.69 -16.72 -8.13
C9 OLC J . 13.65 -17.65 -8.24
C17 OLC J . 5.60 -15.24 -9.82
C11 OLC J . 12.38 -15.77 -9.27
C8 OLC J . 14.46 -17.78 -9.50
C24 OLC J . 24.52 -22.93 -9.65
C16 OLC J . 6.86 -15.91 -9.26
C12 OLC J . 11.14 -14.95 -8.95
C7 OLC J . 15.93 -17.99 -9.15
C15 OLC J . 8.05 -15.66 -10.18
C13 OLC J . 9.96 -15.83 -8.53
C6 OLC J . 16.33 -19.46 -9.21
C14 OLC J . 9.28 -16.47 -9.74
C5 OLC J . 16.73 -19.97 -7.84
C4 OLC J . 17.88 -20.97 -7.92
C3 OLC J . 19.04 -20.53 -7.04
C2 OLC J . 19.77 -19.33 -7.65
C21 OLC J . 22.56 -21.44 -9.29
C1 OLC J . 20.78 -19.81 -8.66
C22 OLC J . 23.63 -22.28 -8.60
O19 OLC J . 20.80 -19.33 -9.79
O25 OLC J . 25.57 -23.65 -9.01
O23 OLC J . 24.42 -21.44 -7.75
O20 OLC J . 21.73 -20.83 -8.30
C18 OLC K . -20.93 -15.78 -10.75
C10 OLC K . -18.45 -11.50 -4.33
C9 OLC K . -18.56 -10.50 -3.46
C17 OLC K . -19.98 -15.63 -9.58
C11 OLC K . -18.21 -12.92 -3.85
C8 OLC K . -18.46 -10.73 -1.97
C24 OLC K . -25.44 -7.18 -1.82
C16 OLC K . -20.74 -15.27 -8.32
C12 OLC K . -19.38 -13.79 -4.31
C7 OLC K . -17.60 -9.63 -1.35
C15 OLC K . -19.79 -14.77 -7.23
C13 OLC K . -18.92 -15.11 -4.90
C6 OLC K . -17.85 -9.49 0.15
C14 OLC K . -19.89 -15.61 -5.97
C5 OLC K . -19.34 -9.59 0.45
C4 OLC K . -19.71 -8.94 1.78
C3 OLC K . -21.14 -9.30 2.15
C2 OLC K . -21.78 -8.31 3.12
C21 OLC K . -24.21 -7.24 0.33
C1 OLC K . -22.80 -7.47 2.39
C22 OLC K . -24.97 -8.08 -0.69
O19 OLC K . -22.93 -6.29 2.65
O25 OLC K . -26.45 -7.85 -2.59
O23 OLC K . -24.12 -9.11 -1.20
O20 OLC K . -23.62 -8.06 1.34
#